data_3PDD
#
_entry.id   3PDD
#
_cell.length_a   46.905
_cell.length_b   58.087
_cell.length_c   78.842
_cell.angle_alpha   90.00
_cell.angle_beta   90.00
_cell.angle_gamma   90.00
#
_symmetry.space_group_name_H-M   'P 21 21 21'
#
loop_
_entity.id
_entity.type
_entity.pdbx_description
1 polymer 'Glycoside hydrolase, family 9'
2 non-polymer 'CHLORIDE ION'
3 non-polymer 'CALCIUM ION'
4 water water
#
_entity_poly.entity_id   1
_entity_poly.type   'polypeptide(L)'
_entity_poly.pdbx_seq_one_letter_code
;MVTIDSPVAGERFEAGKDINISATVKSKTPVSKVEFYNGDTLISSDTTAPYTAKITGAAVGAYNLKAVAVLSDGRRIESP
VTPVLVKVIVKPTVKLTAPKSNVVAYGNEFLKITATASDSDGKISRVDFLVDGEVIGSDREAPYEYEWKAVEGNHEISVI
AYDDDDAASTPDSVKIFVKQARLEHHHHHH
;
_entity_poly.pdbx_strand_id   A
#
loop_
_chem_comp.id
_chem_comp.type
_chem_comp.name
_chem_comp.formula
CA non-polymer 'CALCIUM ION' 'Ca 2'
CL non-polymer 'CHLORIDE ION' 'Cl -1'
#
# COMPACT_ATOMS: atom_id res chain seq x y z
N MET A 1 27.35 5.21 13.72
CA MET A 1 25.89 5.17 14.09
C MET A 1 25.32 3.79 13.83
N VAL A 2 24.14 3.54 14.38
CA VAL A 2 23.46 2.30 14.16
C VAL A 2 22.12 2.68 13.68
N THR A 3 21.70 1.97 12.63
CA THR A 3 20.44 2.22 11.96
C THR A 3 19.64 0.91 11.83
N ILE A 4 18.32 1.01 12.06
CA ILE A 4 17.42 -0.06 11.75
C ILE A 4 16.91 0.24 10.37
N ASP A 5 17.23 -0.66 9.45
CA ASP A 5 16.92 -0.45 8.05
C ASP A 5 15.51 -0.82 7.69
N SER A 6 15.09 -1.98 8.20
CA SER A 6 13.72 -2.46 8.11
C SER A 6 13.40 -3.15 9.41
N PRO A 7 12.16 -2.97 9.94
CA PRO A 7 11.09 -2.09 9.36
C PRO A 7 11.38 -0.62 9.50
N VAL A 8 10.56 0.17 8.86
CA VAL A 8 10.69 1.64 8.88
C VAL A 8 9.68 2.17 9.89
N ALA A 9 9.99 3.29 10.52
CA ALA A 9 9.08 3.91 11.48
C ALA A 9 7.70 4.05 10.91
N GLY A 10 6.73 3.67 11.71
CA GLY A 10 5.34 3.79 11.39
C GLY A 10 4.78 2.64 10.56
N GLU A 11 5.62 1.64 10.23
CA GLU A 11 5.13 0.55 9.43
CA GLU A 11 5.14 0.50 9.45
C GLU A 11 4.07 -0.23 10.24
N ARG A 12 3.03 -0.73 9.56
CA ARG A 12 2.01 -1.56 10.14
C ARG A 12 2.15 -2.98 9.60
N PHE A 13 2.04 -3.94 10.52
CA PHE A 13 2.10 -5.38 10.24
C PHE A 13 0.79 -6.02 10.62
N GLU A 14 0.54 -7.19 10.08
CA GLU A 14 -0.66 -7.96 10.44
CA GLU A 14 -0.64 -8.00 10.41
C GLU A 14 -0.40 -8.86 11.63
N ALA A 15 -1.38 -8.88 12.49
CA ALA A 15 -1.40 -9.73 13.69
C ALA A 15 -1.11 -11.18 13.33
N GLY A 16 -0.20 -11.81 14.08
CA GLY A 16 0.28 -13.10 13.80
C GLY A 16 1.35 -13.35 12.76
N LYS A 17 1.69 -12.34 11.98
N LYS A 17 1.72 -12.33 12.02
CA LYS A 17 2.79 -12.41 11.06
CA LYS A 17 2.80 -12.40 11.08
C LYS A 17 4.09 -12.09 11.79
C LYS A 17 4.09 -12.09 11.79
N ASP A 18 5.20 -12.16 11.07
CA ASP A 18 6.50 -11.90 11.65
C ASP A 18 6.99 -10.48 11.33
N ILE A 19 7.77 -9.92 12.24
CA ILE A 19 8.51 -8.71 12.00
C ILE A 19 9.98 -9.11 11.97
N ASN A 20 10.58 -8.93 10.81
CA ASN A 20 12.00 -9.15 10.59
C ASN A 20 12.72 -7.78 10.66
N ILE A 21 13.79 -7.78 11.45
CA ILE A 21 14.50 -6.55 11.82
C ILE A 21 15.97 -6.67 11.35
N SER A 22 16.43 -5.66 10.65
CA SER A 22 17.82 -5.57 10.06
C SER A 22 18.46 -4.29 10.54
N ALA A 23 19.75 -4.33 10.91
CA ALA A 23 20.46 -3.18 11.38
C ALA A 23 21.80 -3.06 10.64
N THR A 24 22.21 -1.85 10.40
CA THR A 24 23.51 -1.53 9.79
C THR A 24 24.26 -0.76 10.79
N VAL A 25 25.52 -1.11 10.96
CA VAL A 25 26.36 -0.36 11.85
C VAL A 25 27.50 0.31 11.07
N LYS A 26 27.71 1.60 11.39
CA LYS A 26 28.82 2.38 10.90
CA LYS A 26 28.84 2.37 10.90
C LYS A 26 29.66 2.80 12.11
N SER A 27 30.88 2.30 12.22
CA SER A 27 31.73 2.64 13.32
CA SER A 27 31.73 2.54 13.36
C SER A 27 33.19 2.45 12.97
N LYS A 28 34.05 3.27 13.59
CA LYS A 28 35.52 3.08 13.41
C LYS A 28 36.06 1.86 14.18
N THR A 29 35.31 1.37 15.17
CA THR A 29 35.72 0.26 16.03
C THR A 29 34.94 -0.97 15.48
N PRO A 30 35.57 -2.15 15.41
CA PRO A 30 34.83 -3.35 15.02
C PRO A 30 33.65 -3.68 16.00
N VAL A 31 32.62 -4.28 15.48
CA VAL A 31 31.44 -4.62 16.22
C VAL A 31 31.55 -6.00 16.77
N SER A 32 31.23 -6.18 18.05
CA SER A 32 31.18 -7.51 18.64
C SER A 32 29.82 -8.18 18.33
N LYS A 33 28.75 -7.45 18.51
CA LYS A 33 27.41 -7.96 18.33
C LYS A 33 26.46 -6.79 18.34
N VAL A 34 25.27 -7.02 17.83
CA VAL A 34 24.13 -6.10 17.81
C VAL A 34 23.03 -6.76 18.58
N GLU A 35 22.53 -6.04 19.58
CA GLU A 35 21.39 -6.52 20.40
C GLU A 35 20.14 -5.81 19.88
N PHE A 36 19.04 -6.55 19.76
CA PHE A 36 17.81 -6.02 19.30
C PHE A 36 16.79 -5.99 20.43
N TYR A 37 16.09 -4.86 20.61
CA TYR A 37 15.16 -4.69 21.70
C TYR A 37 13.75 -4.33 21.23
N ASN A 38 12.78 -4.75 22.01
CA ASN A 38 11.41 -4.24 21.89
C ASN A 38 11.12 -3.57 23.23
N GLY A 39 11.07 -2.25 23.25
CA GLY A 39 11.11 -1.52 24.51
C GLY A 39 12.41 -1.92 25.20
N ASP A 40 12.31 -2.29 26.46
CA ASP A 40 13.52 -2.67 27.22
C ASP A 40 13.83 -4.16 27.08
N THR A 41 12.97 -4.93 26.41
CA THR A 41 13.09 -6.37 26.36
C THR A 41 13.97 -6.81 25.18
N LEU A 42 15.02 -7.54 25.52
CA LEU A 42 15.91 -8.16 24.51
C LEU A 42 15.17 -9.17 23.67
N ILE A 43 15.17 -8.96 22.35
CA ILE A 43 14.63 -9.92 21.40
C ILE A 43 15.69 -11.03 21.21
N SER A 44 16.86 -10.55 20.83
CA SER A 44 17.92 -11.42 20.50
C SER A 44 19.18 -10.62 20.17
N SER A 45 20.27 -11.36 20.12
CA SER A 45 21.56 -10.76 19.77
C SER A 45 22.29 -11.48 18.69
N ASP A 46 23.06 -10.73 17.92
CA ASP A 46 23.60 -11.26 16.64
C ASP A 46 25.06 -10.83 16.53
N THR A 47 25.95 -11.81 16.66
CA THR A 47 27.39 -11.56 16.47
C THR A 47 27.93 -11.38 15.07
N THR A 48 27.14 -11.65 14.03
CA THR A 48 27.58 -11.58 12.68
C THR A 48 26.78 -10.62 11.80
N ALA A 49 27.51 -9.87 10.98
CA ALA A 49 26.90 -9.12 9.86
C ALA A 49 26.52 -10.16 8.78
N PRO A 50 25.32 -10.06 8.19
CA PRO A 50 24.29 -9.07 8.48
C PRO A 50 23.55 -9.32 9.78
N TYR A 51 23.32 -8.21 10.47
CA TYR A 51 22.70 -8.17 11.77
C TYR A 51 21.17 -8.19 11.68
N THR A 52 20.57 -9.31 12.14
CA THR A 52 19.15 -9.54 11.98
C THR A 52 18.53 -10.06 13.25
N ALA A 53 17.23 -9.83 13.38
CA ALA A 53 16.39 -10.43 14.44
C ALA A 53 15.02 -10.67 13.89
N LYS A 54 14.22 -11.47 14.60
CA LYS A 54 12.86 -11.75 14.12
C LYS A 54 11.91 -11.91 15.32
N ILE A 55 10.81 -11.20 15.29
CA ILE A 55 9.74 -11.39 16.23
C ILE A 55 8.75 -12.30 15.48
N THR A 56 8.57 -13.47 15.99
CA THR A 56 7.71 -14.50 15.35
C THR A 56 6.27 -14.41 15.88
N GLY A 57 5.28 -14.37 14.97
CA GLY A 57 3.88 -14.42 15.41
C GLY A 57 3.52 -13.29 16.35
N ALA A 58 3.81 -12.06 15.91
CA ALA A 58 3.60 -10.87 16.71
C ALA A 58 2.12 -10.63 17.04
N ALA A 59 1.85 -10.45 18.31
CA ALA A 59 0.51 -10.06 18.79
C ALA A 59 0.22 -8.58 18.50
N VAL A 60 -1.06 -8.20 18.43
CA VAL A 60 -1.39 -6.81 18.26
C VAL A 60 -0.78 -5.92 19.33
N GLY A 61 -0.41 -4.71 18.95
CA GLY A 61 0.13 -3.71 19.85
C GLY A 61 1.33 -2.98 19.22
N ALA A 62 1.90 -2.05 20.00
CA ALA A 62 3.02 -1.22 19.57
C ALA A 62 4.29 -1.97 19.89
N TYR A 63 5.21 -1.90 18.95
CA TYR A 63 6.58 -2.39 19.12
C TYR A 63 7.59 -1.28 18.93
N ASN A 64 8.41 -1.07 19.93
CA ASN A 64 9.32 0.10 19.96
C ASN A 64 10.76 -0.47 19.82
N LEU A 65 11.13 -0.65 18.60
CA LEU A 65 12.34 -1.38 18.23
C LEU A 65 13.61 -0.56 18.29
N LYS A 66 14.69 -1.14 18.82
CA LYS A 66 15.97 -0.48 18.92
C LYS A 66 17.04 -1.52 18.70
N ALA A 67 18.10 -1.11 18.04
CA ALA A 67 19.34 -1.89 17.92
C ALA A 67 20.49 -1.18 18.67
N VAL A 68 21.28 -1.98 19.33
CA VAL A 68 22.42 -1.52 20.10
C VAL A 68 23.61 -2.32 19.64
N ALA A 69 24.63 -1.65 19.09
CA ALA A 69 25.93 -2.29 18.76
C ALA A 69 26.84 -2.25 19.95
N VAL A 70 27.37 -3.41 20.32
CA VAL A 70 28.38 -3.51 21.33
C VAL A 70 29.70 -3.65 20.58
N LEU A 71 30.62 -2.70 20.77
CA LEU A 71 31.82 -2.59 19.99
C LEU A 71 32.92 -3.36 20.71
N SER A 72 34.05 -3.60 20.03
CA SER A 72 35.05 -4.55 20.52
C SER A 72 35.78 -4.00 21.74
N ASP A 73 35.70 -2.68 21.92
CA ASP A 73 36.28 -2.04 23.11
C ASP A 73 35.31 -1.86 24.29
N GLY A 74 34.14 -2.46 24.20
CA GLY A 74 33.15 -2.42 25.29
C GLY A 74 32.09 -1.32 25.18
N ARG A 75 32.35 -0.33 24.33
CA ARG A 75 31.38 0.76 24.12
C ARG A 75 30.10 0.28 23.47
N ARG A 76 28.99 0.98 23.77
N ARG A 76 28.97 0.92 23.83
CA ARG A 76 27.71 0.68 23.16
CA ARG A 76 27.65 0.67 23.22
C ARG A 76 27.24 1.91 22.39
C ARG A 76 27.25 1.91 22.40
N ILE A 77 26.73 1.70 21.19
CA ILE A 77 26.07 2.81 20.42
C ILE A 77 24.74 2.28 20.03
N GLU A 78 23.74 3.14 19.90
CA GLU A 78 22.41 2.67 19.74
C GLU A 78 21.67 3.46 18.70
N SER A 79 20.73 2.78 18.04
CA SER A 79 19.82 3.44 17.11
C SER A 79 18.75 4.22 17.87
N PRO A 80 18.14 5.17 17.16
CA PRO A 80 16.86 5.68 17.65
C PRO A 80 15.82 4.57 17.68
N VAL A 81 14.71 4.81 18.36
CA VAL A 81 13.57 3.87 18.32
C VAL A 81 12.89 3.92 16.97
N THR A 82 12.58 2.73 16.47
CA THR A 82 11.73 2.57 15.29
C THR A 82 10.40 2.03 15.82
N PRO A 83 9.36 2.89 15.84
CA PRO A 83 8.09 2.42 16.40
C PRO A 83 7.18 1.93 15.29
N VAL A 84 6.71 0.70 15.42
CA VAL A 84 5.82 0.05 14.53
C VAL A 84 4.55 -0.45 15.24
N LEU A 85 3.56 -0.81 14.41
CA LEU A 85 2.29 -1.29 14.91
C LEU A 85 1.87 -2.60 14.29
N VAL A 86 1.45 -3.52 15.12
CA VAL A 86 0.82 -4.79 14.70
C VAL A 86 -0.62 -4.65 14.98
N LYS A 87 -1.44 -4.89 13.94
CA LYS A 87 -2.90 -4.73 14.02
C LYS A 87 -3.64 -5.80 13.21
N VAL A 88 -4.96 -5.90 13.45
CA VAL A 88 -5.86 -6.64 12.62
C VAL A 88 -6.01 -5.78 11.35
N ILE A 89 -5.75 -6.40 10.19
CA ILE A 89 -5.82 -5.65 8.95
C ILE A 89 -7.16 -6.02 8.34
N VAL A 90 -7.86 -5.02 7.83
CA VAL A 90 -9.19 -5.20 7.24
C VAL A 90 -9.18 -4.40 5.93
N LYS A 91 -9.25 -5.13 4.81
CA LYS A 91 -9.07 -4.49 3.51
CA LYS A 91 -9.16 -4.56 3.47
C LYS A 91 -10.31 -3.60 3.27
N PRO A 92 -10.08 -2.49 2.53
CA PRO A 92 -11.21 -1.58 2.15
C PRO A 92 -12.09 -2.25 1.11
N THR A 93 -13.18 -1.60 0.77
CA THR A 93 -14.06 -2.09 -0.27
C THR A 93 -14.22 -0.90 -1.26
N VAL A 94 -14.54 -1.25 -2.50
CA VAL A 94 -14.66 -0.28 -3.60
C VAL A 94 -15.86 -0.72 -4.40
N LYS A 95 -16.53 0.24 -5.04
CA LYS A 95 -17.68 -0.02 -5.86
C LYS A 95 -17.63 0.94 -7.07
N LEU A 96 -17.65 0.37 -8.27
CA LEU A 96 -17.63 1.17 -9.48
C LEU A 96 -19.03 1.62 -9.77
N THR A 97 -19.29 2.94 -9.86
CA THR A 97 -20.63 3.49 -9.99
C THR A 97 -20.92 3.95 -11.44
N ALA A 98 -19.87 4.17 -12.22
CA ALA A 98 -20.00 4.41 -13.68
C ALA A 98 -18.67 4.16 -14.36
N PRO A 99 -18.68 3.71 -15.65
CA PRO A 99 -19.89 3.49 -16.47
C PRO A 99 -20.62 2.21 -16.19
N LYS A 100 -21.84 2.12 -16.68
CA LYS A 100 -22.57 0.88 -16.78
C LYS A 100 -22.15 0.07 -17.99
N SER A 101 -22.40 -1.24 -17.96
CA SER A 101 -21.96 -2.13 -19.01
C SER A 101 -22.54 -1.78 -20.38
N ASN A 102 -23.70 -1.15 -20.39
CA ASN A 102 -24.33 -0.77 -21.64
C ASN A 102 -24.10 0.66 -22.08
N VAL A 103 -23.06 1.28 -21.51
CA VAL A 103 -22.68 2.63 -21.86
C VAL A 103 -22.49 2.78 -23.36
N VAL A 104 -22.96 3.93 -23.85
CA VAL A 104 -22.74 4.36 -25.26
C VAL A 104 -21.51 5.22 -25.25
N ALA A 105 -20.43 4.74 -25.85
CA ALA A 105 -19.23 5.49 -25.90
C ALA A 105 -18.59 5.30 -27.26
N TYR A 106 -17.76 6.25 -27.61
CA TYR A 106 -17.03 6.33 -28.86
C TYR A 106 -15.60 6.56 -28.68
N GLY A 107 -14.86 6.02 -29.61
CA GLY A 107 -13.44 6.19 -29.60
C GLY A 107 -13.04 7.65 -29.50
N ASN A 108 -12.04 7.93 -28.67
N ASN A 108 -12.05 7.88 -28.63
CA ASN A 108 -11.46 9.26 -28.48
CA ASN A 108 -11.40 9.17 -28.36
C ASN A 108 -12.24 10.22 -27.63
C ASN A 108 -12.26 10.23 -27.67
N GLU A 109 -13.51 9.90 -27.33
CA GLU A 109 -14.31 10.75 -26.45
C GLU A 109 -13.98 10.39 -24.96
N PHE A 110 -13.89 11.39 -24.09
CA PHE A 110 -13.60 11.17 -22.69
C PHE A 110 -14.82 10.64 -21.98
N LEU A 111 -14.61 9.59 -21.21
CA LEU A 111 -15.61 8.89 -20.52
C LEU A 111 -15.22 8.90 -19.02
N LYS A 112 -16.15 9.33 -18.20
CA LYS A 112 -15.86 9.55 -16.77
C LYS A 112 -16.12 8.24 -16.05
N ILE A 113 -15.12 7.78 -15.34
CA ILE A 113 -15.23 6.60 -14.49
C ILE A 113 -15.41 7.12 -13.07
N THR A 114 -16.32 6.54 -12.30
CA THR A 114 -16.58 6.96 -10.89
C THR A 114 -16.71 5.75 -9.98
N ALA A 115 -16.33 5.95 -8.72
CA ALA A 115 -16.40 4.86 -7.74
C ALA A 115 -16.68 5.43 -6.39
N THR A 116 -17.25 4.62 -5.50
CA THR A 116 -17.25 4.93 -4.06
C THR A 116 -16.29 3.95 -3.38
N ALA A 117 -15.75 4.33 -2.22
CA ALA A 117 -14.81 3.41 -1.48
C ALA A 117 -15.05 3.59 0.00
N SER A 118 -14.85 2.53 0.78
CA SER A 118 -15.15 2.52 2.22
CA SER A 118 -15.02 2.64 2.22
C SER A 118 -14.10 1.68 2.93
N ASP A 119 -13.76 2.02 4.17
CA ASP A 119 -12.85 1.17 4.93
C ASP A 119 -13.48 1.05 6.34
N SER A 120 -13.69 -0.16 6.79
CA SER A 120 -14.46 -0.33 8.04
C SER A 120 -13.70 0.08 9.27
N ASP A 121 -12.37 -0.10 9.25
CA ASP A 121 -11.56 0.17 10.40
C ASP A 121 -10.74 1.43 10.26
N GLY A 122 -10.48 1.90 9.05
CA GLY A 122 -9.54 3.00 8.83
C GLY A 122 -10.12 4.01 7.82
N LYS A 123 -9.26 4.49 6.94
CA LYS A 123 -9.70 5.38 5.89
C LYS A 123 -9.13 5.01 4.52
N ILE A 124 -9.73 5.57 3.47
CA ILE A 124 -9.24 5.40 2.08
C ILE A 124 -8.13 6.43 1.79
N SER A 125 -7.05 5.92 1.25
CA SER A 125 -5.97 6.80 0.86
CA SER A 125 -5.92 6.73 0.84
C SER A 125 -6.06 7.19 -0.62
N ARG A 126 -6.48 6.25 -1.49
CA ARG A 126 -6.69 6.55 -2.89
C ARG A 126 -7.51 5.45 -3.55
N VAL A 127 -8.13 5.75 -4.71
CA VAL A 127 -8.70 4.76 -5.61
C VAL A 127 -7.90 4.81 -6.89
N ASP A 128 -7.50 3.65 -7.41
CA ASP A 128 -6.84 3.54 -8.72
C ASP A 128 -7.89 3.12 -9.73
N PHE A 129 -7.72 3.64 -10.94
CA PHE A 129 -8.60 3.35 -12.05
C PHE A 129 -7.84 2.62 -13.07
N LEU A 130 -8.39 1.50 -13.57
CA LEU A 130 -7.70 0.64 -14.48
C LEU A 130 -8.53 0.29 -15.71
N VAL A 131 -7.82 0.13 -16.84
CA VAL A 131 -8.45 -0.30 -18.08
C VAL A 131 -7.65 -1.49 -18.56
N ASP A 132 -8.36 -2.60 -18.75
CA ASP A 132 -7.79 -3.90 -19.05
C ASP A 132 -6.56 -4.19 -18.18
N GLY A 133 -6.70 -3.91 -16.90
CA GLY A 133 -5.69 -4.32 -15.90
C GLY A 133 -4.58 -3.33 -15.72
N GLU A 134 -4.61 -2.27 -16.49
N GLU A 134 -4.69 -2.21 -16.39
CA GLU A 134 -3.59 -1.21 -16.41
CA GLU A 134 -3.63 -1.22 -16.46
C GLU A 134 -4.08 0.03 -15.73
C GLU A 134 -4.05 0.07 -15.77
N VAL A 135 -3.29 0.47 -14.75
CA VAL A 135 -3.64 1.70 -14.04
C VAL A 135 -3.57 2.92 -15.00
N ILE A 136 -4.68 3.61 -15.17
CA ILE A 136 -4.67 4.85 -15.95
C ILE A 136 -4.65 6.15 -15.12
N GLY A 137 -4.99 6.04 -13.85
CA GLY A 137 -5.02 7.23 -12.99
C GLY A 137 -5.36 6.83 -11.57
N SER A 138 -5.21 7.78 -10.64
CA SER A 138 -5.53 7.59 -9.25
C SER A 138 -6.27 8.89 -8.84
N ASP A 139 -7.12 8.76 -7.82
CA ASP A 139 -7.80 9.88 -7.18
C ASP A 139 -7.66 9.68 -5.66
N ARG A 140 -7.08 10.70 -5.00
CA ARG A 140 -6.77 10.65 -3.58
CA ARG A 140 -6.78 10.56 -3.57
C ARG A 140 -7.87 11.27 -2.72
N GLU A 141 -8.88 11.85 -3.37
CA GLU A 141 -9.93 12.60 -2.63
CA GLU A 141 -9.92 12.59 -2.62
C GLU A 141 -11.29 12.33 -3.18
N ALA A 142 -12.18 11.89 -2.29
CA ALA A 142 -13.58 11.75 -2.60
C ALA A 142 -14.17 13.10 -3.04
N PRO A 143 -15.02 13.09 -4.07
CA PRO A 143 -15.47 11.93 -4.82
C PRO A 143 -14.40 11.37 -5.74
N TYR A 144 -14.42 10.04 -5.91
CA TYR A 144 -13.43 9.34 -6.70
C TYR A 144 -13.87 9.32 -8.17
N GLU A 145 -13.03 9.93 -9.04
CA GLU A 145 -13.40 10.17 -10.43
C GLU A 145 -12.14 10.12 -11.30
N TYR A 146 -12.28 9.69 -12.55
CA TYR A 146 -11.16 9.85 -13.52
C TYR A 146 -11.76 9.91 -14.90
N GLU A 147 -11.23 10.77 -15.75
CA GLU A 147 -11.67 10.89 -17.13
C GLU A 147 -10.78 10.12 -18.07
N TRP A 148 -11.34 9.09 -18.66
CA TRP A 148 -10.59 8.21 -19.52
C TRP A 148 -10.84 8.58 -20.97
N LYS A 149 -9.78 8.79 -21.73
CA LYS A 149 -9.95 8.92 -23.18
C LYS A 149 -10.32 7.56 -23.76
N ALA A 150 -11.56 7.39 -24.18
CA ALA A 150 -12.00 6.06 -24.66
C ALA A 150 -11.25 5.54 -25.84
N VAL A 151 -11.10 4.20 -25.76
CA VAL A 151 -10.40 3.42 -26.73
C VAL A 151 -11.38 2.46 -27.33
N GLU A 152 -11.48 2.49 -28.65
CA GLU A 152 -12.35 1.61 -29.41
C GLU A 152 -12.25 0.10 -29.03
N GLY A 153 -13.36 -0.60 -29.05
CA GLY A 153 -13.37 -2.02 -28.80
C GLY A 153 -13.87 -2.42 -27.43
N ASN A 154 -13.65 -3.69 -27.08
CA ASN A 154 -14.09 -4.24 -25.73
C ASN A 154 -13.01 -3.93 -24.69
N HIS A 155 -13.45 -3.33 -23.57
CA HIS A 155 -12.52 -3.06 -22.51
C HIS A 155 -13.16 -3.35 -21.15
N GLU A 156 -12.29 -3.77 -20.21
CA GLU A 156 -12.70 -3.97 -18.82
C GLU A 156 -12.19 -2.80 -17.97
N ILE A 157 -13.13 -2.07 -17.40
CA ILE A 157 -12.82 -0.97 -16.55
CA ILE A 157 -12.83 -0.96 -16.53
C ILE A 157 -12.92 -1.49 -15.11
N SER A 158 -11.91 -1.21 -14.29
CA SER A 158 -11.96 -1.60 -12.87
C SER A 158 -11.39 -0.54 -12.00
N VAL A 159 -11.76 -0.62 -10.72
CA VAL A 159 -11.20 0.25 -9.71
C VAL A 159 -10.75 -0.62 -8.51
N ILE A 160 -9.72 -0.14 -7.84
CA ILE A 160 -9.16 -0.77 -6.63
C ILE A 160 -8.90 0.36 -5.63
N ALA A 161 -9.46 0.24 -4.41
CA ALA A 161 -9.21 1.18 -3.29
C ALA A 161 -8.07 0.71 -2.43
N TYR A 162 -7.36 1.67 -1.88
CA TYR A 162 -6.22 1.39 -0.97
C TYR A 162 -6.54 2.21 0.30
N ASP A 163 -6.36 1.59 1.44
CA ASP A 163 -6.55 2.23 2.73
C ASP A 163 -5.27 2.78 3.35
N ASP A 164 -5.38 3.26 4.60
CA ASP A 164 -4.30 3.86 5.31
C ASP A 164 -3.27 2.86 5.82
N ASP A 165 -3.57 1.57 5.73
CA ASP A 165 -2.62 0.50 5.97
C ASP A 165 -1.98 -0.03 4.64
N ASP A 166 -2.34 0.59 3.52
CA ASP A 166 -1.94 0.13 2.19
C ASP A 166 -2.47 -1.26 1.80
N ALA A 167 -3.59 -1.64 2.43
CA ALA A 167 -4.34 -2.82 2.08
C ALA A 167 -5.23 -2.46 0.90
N ALA A 168 -5.27 -3.35 -0.09
CA ALA A 168 -6.07 -3.12 -1.27
C ALA A 168 -7.39 -3.86 -1.19
N SER A 169 -8.42 -3.24 -1.75
CA SER A 169 -9.66 -3.90 -1.92
C SER A 169 -9.57 -4.94 -3.08
N THR A 170 -10.51 -5.85 -3.13
CA THR A 170 -10.70 -6.61 -4.37
C THR A 170 -11.17 -5.60 -5.43
N PRO A 171 -10.91 -5.86 -6.71
CA PRO A 171 -11.38 -4.86 -7.68
C PRO A 171 -12.85 -4.96 -7.92
N ASP A 172 -13.46 -3.86 -8.33
CA ASP A 172 -14.80 -3.88 -8.87
C ASP A 172 -14.64 -3.50 -10.36
N SER A 173 -15.35 -4.22 -11.24
CA SER A 173 -15.17 -4.07 -12.68
CA SER A 173 -15.16 -4.09 -12.68
C SER A 173 -16.49 -4.04 -13.47
N VAL A 174 -16.39 -3.50 -14.66
CA VAL A 174 -17.45 -3.57 -15.64
C VAL A 174 -16.81 -3.82 -17.00
N LYS A 175 -17.51 -4.55 -17.84
CA LYS A 175 -17.10 -4.69 -19.25
C LYS A 175 -17.93 -3.81 -20.15
N ILE A 176 -17.27 -3.07 -21.03
CA ILE A 176 -17.98 -2.14 -21.92
C ILE A 176 -17.46 -2.35 -23.34
N PHE A 177 -18.21 -1.80 -24.28
CA PHE A 177 -17.78 -1.78 -25.67
C PHE A 177 -17.75 -0.37 -26.11
N VAL A 178 -16.65 0.07 -26.73
CA VAL A 178 -16.52 1.44 -27.23
C VAL A 178 -16.59 1.40 -28.74
N LYS A 179 -17.56 2.14 -29.30
N LYS A 179 -17.55 2.11 -29.32
CA LYS A 179 -17.74 2.14 -30.75
CA LYS A 179 -17.76 2.05 -30.76
C LYS A 179 -16.66 2.92 -31.49
C LYS A 179 -16.75 2.91 -31.50
N GLN A 180 -16.50 2.59 -32.78
CA GLN A 180 -15.65 3.43 -33.61
C GLN A 180 -16.20 4.83 -33.62
N ALA A 181 -15.31 5.80 -33.52
CA ALA A 181 -15.66 7.22 -33.55
C ALA A 181 -16.52 7.57 -34.81
N ARG A 182 -16.24 6.93 -35.94
CA ARG A 182 -17.04 7.20 -37.18
C ARG A 182 -18.53 6.70 -37.12
N LEU A 183 -18.88 5.91 -36.09
CA LEU A 183 -20.21 5.29 -35.99
C LEU A 183 -21.16 6.06 -35.05
N GLU A 184 -20.71 7.25 -34.60
CA GLU A 184 -21.55 8.11 -33.76
C GLU A 184 -22.64 8.67 -34.64
N HIS A 185 -23.86 8.29 -34.30
CA HIS A 185 -25.05 8.68 -35.04
C HIS A 185 -25.99 9.52 -34.20
N HIS A 186 -26.92 10.25 -34.86
CA HIS A 186 -27.95 10.97 -34.17
C HIS A 186 -28.75 10.01 -33.26
N HIS A 187 -29.11 10.47 -32.07
CA HIS A 187 -29.98 9.69 -31.16
C HIS A 187 -30.92 10.67 -30.50
N HIS A 188 -32.24 10.45 -30.65
CA HIS A 188 -33.24 11.39 -30.12
C HIS A 188 -33.18 11.38 -28.58
N HIS A 189 -33.37 12.57 -27.99
CA HIS A 189 -33.49 12.72 -26.54
CA HIS A 189 -33.53 12.70 -26.55
C HIS A 189 -34.15 14.06 -26.18
N HIS A 190 -34.50 14.23 -24.92
CA HIS A 190 -35.15 15.49 -24.45
C HIS A 190 -34.83 15.72 -22.99
CL CL B . -12.19 4.87 -33.25
CA CA C . 23.89 -12.37 11.55
CA CA D . -8.54 -0.99 6.62
CA CA E . -11.69 13.35 -6.46
CA CA F . -19.96 -3.82 -9.13
#